data_2M1T
#
_entry.id   2M1T
#
_entity_poly.entity_id   1
_entity_poly.type   'polypeptide(L)'
_entity_poly.pdbx_seq_one_letter_code
;DTLLGRILPQLVCRLVLRCSID
;
_entity_poly.pdbx_strand_id   A
#
# COMPACT_ATOMS: atom_id res chain seq x y z
N ASP A 1 -7.94 -3.59 -4.94
CA ASP A 1 -7.00 -2.71 -4.20
C ASP A 1 -7.78 -1.88 -3.18
N THR A 2 -9.06 -2.20 -3.02
CA THR A 2 -9.92 -1.48 -2.08
C THR A 2 -10.44 -2.42 -1.00
N LEU A 3 -10.58 -1.86 0.20
CA LEU A 3 -11.08 -2.60 1.36
C LEU A 3 -10.03 -3.61 1.81
N LEU A 4 -8.92 -3.63 1.10
CA LEU A 4 -7.82 -4.51 1.41
C LEU A 4 -6.61 -4.08 0.58
N GLY A 5 -6.20 -2.86 0.84
CA GLY A 5 -5.07 -2.24 0.12
C GLY A 5 -5.21 -0.73 0.08
N ARG A 6 -6.32 -0.23 0.63
CA ARG A 6 -6.60 1.20 0.66
C ARG A 6 -6.94 1.63 2.10
N ILE A 7 -7.05 0.64 3.02
CA ILE A 7 -7.38 0.93 4.40
C ILE A 7 -6.35 0.36 5.39
N LEU A 8 -6.16 -0.97 5.41
CA LEU A 8 -5.19 -1.59 6.34
C LEU A 8 -3.94 -2.07 5.60
N PRO A 9 -4.07 -2.88 4.56
CA PRO A 9 -2.89 -3.37 3.81
C PRO A 9 -2.31 -2.25 2.94
N GLN A 10 -3.04 -1.14 2.83
CA GLN A 10 -2.58 -0.05 2.01
C GLN A 10 -1.23 0.40 2.50
N LEU A 11 -0.98 0.15 3.78
CA LEU A 11 0.27 0.53 4.39
C LEU A 11 1.40 -0.07 3.59
N VAL A 12 1.24 -1.33 3.27
CA VAL A 12 2.23 -2.04 2.47
C VAL A 12 1.91 -1.86 1.00
N CYS A 13 1.47 -0.66 0.65
CA CYS A 13 1.12 -0.33 -0.74
C CYS A 13 1.57 1.08 -1.08
N ARG A 14 1.28 2.03 -0.19
CA ARG A 14 1.65 3.43 -0.42
C ARG A 14 2.84 3.82 0.45
N LEU A 15 3.22 2.96 1.42
CA LEU A 15 4.36 3.29 2.29
C LEU A 15 5.58 2.42 1.99
N VAL A 16 5.34 1.16 1.61
CA VAL A 16 6.44 0.24 1.31
C VAL A 16 6.75 0.21 -0.19
N LEU A 17 5.74 -0.11 -1.00
CA LEU A 17 5.95 -0.18 -2.43
C LEU A 17 6.31 1.19 -2.99
N ARG A 18 5.68 2.23 -2.47
CA ARG A 18 5.97 3.59 -2.91
C ARG A 18 7.43 3.94 -2.64
N CYS A 19 7.92 3.50 -1.50
CA CYS A 19 9.30 3.76 -1.11
C CYS A 19 10.27 3.17 -2.12
N SER A 20 10.05 1.91 -2.47
CA SER A 20 10.91 1.22 -3.44
C SER A 20 10.40 1.49 -4.84
N ILE A 21 10.04 2.75 -5.11
CA ILE A 21 9.53 3.14 -6.41
C ILE A 21 8.61 2.06 -6.99
N ASP A 22 8.04 1.26 -6.09
CA ASP A 22 7.15 0.19 -6.51
C ASP A 22 7.84 -0.72 -7.52
N ASP A 1 -7.07 -4.56 -4.25
CA ASP A 1 -6.44 -3.23 -4.00
C ASP A 1 -7.31 -2.41 -3.06
N THR A 2 -8.63 -2.50 -3.26
CA THR A 2 -9.57 -1.76 -2.41
C THR A 2 -10.13 -2.67 -1.33
N LEU A 3 -10.37 -2.08 -0.17
CA LEU A 3 -10.90 -2.83 0.98
C LEU A 3 -9.86 -3.81 1.47
N LEU A 4 -8.74 -3.85 0.76
CA LEU A 4 -7.62 -4.71 1.10
C LEU A 4 -6.42 -4.20 0.32
N GLY A 5 -6.07 -2.96 0.60
CA GLY A 5 -4.97 -2.30 -0.07
C GLY A 5 -5.17 -0.78 -0.07
N ARG A 6 -6.32 -0.34 0.42
CA ARG A 6 -6.65 1.09 0.51
C ARG A 6 -7.04 1.45 1.94
N ILE A 7 -7.07 0.44 2.84
CA ILE A 7 -7.44 0.69 4.23
C ILE A 7 -6.40 0.13 5.22
N LEU A 8 -6.22 -1.21 5.26
CA LEU A 8 -5.26 -1.82 6.19
C LEU A 8 -3.96 -2.21 5.46
N PRO A 9 -4.02 -2.98 4.40
CA PRO A 9 -2.80 -3.39 3.66
C PRO A 9 -2.25 -2.22 2.85
N GLN A 10 -3.05 -1.16 2.74
CA GLN A 10 -2.61 -0.01 1.97
C GLN A 10 -1.29 0.47 2.54
N LEU A 11 -1.09 0.12 3.79
CA LEU A 11 0.10 0.54 4.52
C LEU A 11 1.31 0.00 3.79
N VAL A 12 1.19 -1.23 3.32
CA VAL A 12 2.29 -1.86 2.57
C VAL A 12 2.08 -1.66 1.08
N CYS A 13 1.51 -0.51 0.72
CA CYS A 13 1.25 -0.19 -0.69
C CYS A 13 1.67 1.24 -1.00
N ARG A 14 1.29 2.17 -0.13
CA ARG A 14 1.64 3.59 -0.33
C ARG A 14 2.84 3.96 0.53
N LEU A 15 3.25 3.07 1.44
CA LEU A 15 4.39 3.38 2.32
C LEU A 15 5.62 2.55 1.91
N VAL A 16 5.40 1.32 1.46
CA VAL A 16 6.51 0.44 1.09
C VAL A 16 6.71 0.41 -0.43
N LEU A 17 5.68 0.01 -1.17
CA LEU A 17 5.77 -0.06 -2.63
C LEU A 17 5.97 1.33 -3.23
N ARG A 18 5.57 2.35 -2.49
CA ARG A 18 5.71 3.73 -2.97
C ARG A 18 7.17 4.07 -3.24
N CYS A 19 8.06 3.64 -2.35
CA CYS A 19 9.49 3.92 -2.50
C CYS A 19 10.31 2.65 -2.74
N SER A 20 9.81 1.53 -2.25
CA SER A 20 10.54 0.26 -2.41
C SER A 20 10.73 -0.09 -3.89
N ILE A 21 9.64 -0.01 -4.65
CA ILE A 21 9.69 -0.33 -6.08
C ILE A 21 9.34 0.90 -6.91
N ASP A 22 8.82 1.93 -6.26
CA ASP A 22 8.46 3.16 -6.96
C ASP A 22 7.72 2.85 -8.27
N ASP A 1 -8.69 -3.12 -5.39
CA ASP A 1 -7.83 -2.77 -4.22
C ASP A 1 -8.62 -1.88 -3.26
N THR A 2 -9.64 -2.46 -2.61
CA THR A 2 -10.45 -1.71 -1.66
C THR A 2 -10.82 -2.59 -0.47
N LEU A 3 -10.71 -2.02 0.72
CA LEU A 3 -11.03 -2.74 1.95
C LEU A 3 -9.92 -3.75 2.25
N LEU A 4 -8.92 -3.76 1.39
CA LEU A 4 -7.78 -4.64 1.55
C LEU A 4 -6.70 -4.19 0.59
N GLY A 5 -6.28 -2.94 0.77
CA GLY A 5 -5.25 -2.35 -0.07
C GLY A 5 -5.42 -0.84 -0.16
N ARG A 6 -6.49 -0.32 0.45
CA ARG A 6 -6.78 1.10 0.44
C ARG A 6 -7.07 1.59 1.86
N ILE A 7 -7.08 0.67 2.84
CA ILE A 7 -7.39 1.05 4.22
C ILE A 7 -6.38 0.50 5.24
N LEU A 8 -6.28 -0.83 5.37
CA LEU A 8 -5.35 -1.42 6.36
C LEU A 8 -4.04 -1.85 5.70
N PRO A 9 -4.04 -2.78 4.78
CA PRO A 9 -2.78 -3.22 4.13
C PRO A 9 -2.29 -2.18 3.12
N GLN A 10 -3.09 -1.15 2.87
CA GLN A 10 -2.69 -0.12 1.93
C GLN A 10 -1.35 0.42 2.39
N LEU A 11 -1.12 0.26 3.69
CA LEU A 11 0.08 0.73 4.32
C LEU A 11 1.26 0.07 3.66
N VAL A 12 1.11 -1.21 3.36
CA VAL A 12 2.17 -1.96 2.70
C VAL A 12 1.93 -1.96 1.20
N CYS A 13 1.41 -0.85 0.68
CA CYS A 13 1.12 -0.73 -0.75
C CYS A 13 1.55 0.64 -1.27
N ARG A 14 1.25 1.69 -0.52
CA ARG A 14 1.60 3.05 -0.93
C ARG A 14 2.76 3.58 -0.10
N LEU A 15 3.14 2.87 0.97
CA LEU A 15 4.25 3.33 1.83
C LEU A 15 5.48 2.45 1.66
N VAL A 16 5.27 1.14 1.56
CA VAL A 16 6.40 0.21 1.43
C VAL A 16 6.75 -0.02 -0.04
N LEU A 17 5.78 -0.44 -0.83
CA LEU A 17 6.02 -0.70 -2.24
C LEU A 17 6.42 0.59 -2.95
N ARG A 18 5.77 1.69 -2.59
CA ARG A 18 6.05 2.99 -3.18
C ARG A 18 7.52 3.36 -2.95
N CYS A 19 7.99 3.12 -1.74
CA CYS A 19 9.37 3.44 -1.41
C CYS A 19 10.34 2.65 -2.28
N SER A 20 10.10 1.34 -2.41
CA SER A 20 10.98 0.49 -3.19
C SER A 20 10.95 0.81 -4.69
N ILE A 21 9.77 1.06 -5.23
CA ILE A 21 9.63 1.34 -6.67
C ILE A 21 9.61 2.84 -6.95
N ASP A 22 9.08 3.59 -6.00
CA ASP A 22 8.98 5.05 -6.16
C ASP A 22 8.59 5.42 -7.59
N ASP A 1 -8.02 -1.49 -3.68
CA ASP A 1 -8.10 -0.20 -2.95
C ASP A 1 -9.42 -0.11 -2.20
N THR A 2 -9.65 -1.04 -1.28
CA THR A 2 -10.90 -1.02 -0.52
C THR A 2 -10.95 -2.14 0.52
N LEU A 3 -10.70 -1.78 1.76
CA LEU A 3 -10.74 -2.75 2.86
C LEU A 3 -9.56 -3.70 2.74
N LEU A 4 -8.85 -3.59 1.63
CA LEU A 4 -7.69 -4.42 1.37
C LEU A 4 -6.85 -3.73 0.32
N GLY A 5 -6.54 -2.48 0.59
CA GLY A 5 -5.75 -1.67 -0.33
C GLY A 5 -5.91 -0.18 -0.03
N ARG A 6 -6.82 0.14 0.91
CA ARG A 6 -7.07 1.52 1.31
C ARG A 6 -7.01 1.62 2.84
N ILE A 7 -6.76 0.49 3.52
CA ILE A 7 -6.69 0.48 4.98
C ILE A 7 -5.52 -0.34 5.53
N LEU A 8 -5.54 -1.68 5.38
CA LEU A 8 -4.44 -2.50 5.93
C LEU A 8 -3.31 -2.67 4.91
N PRO A 9 -3.54 -3.23 3.73
CA PRO A 9 -2.45 -3.41 2.73
C PRO A 9 -2.06 -2.06 2.15
N GLN A 10 -2.91 -1.08 2.42
CA GLN A 10 -2.69 0.27 1.93
C GLN A 10 -1.38 0.83 2.42
N LEU A 11 -1.15 0.63 3.71
CA LEU A 11 0.04 1.13 4.35
C LEU A 11 1.26 0.48 3.73
N VAL A 12 1.16 -0.80 3.43
CA VAL A 12 2.28 -1.53 2.84
C VAL A 12 2.12 -1.66 1.33
N CYS A 13 1.45 -0.68 0.70
CA CYS A 13 1.25 -0.72 -0.75
C CYS A 13 1.59 0.63 -1.37
N ARG A 14 1.14 1.71 -0.75
CA ARG A 14 1.41 3.05 -1.26
C ARG A 14 2.53 3.72 -0.47
N LEU A 15 2.93 3.14 0.66
CA LEU A 15 4.00 3.73 1.47
C LEU A 15 5.28 2.89 1.43
N VAL A 16 5.14 1.57 1.23
CA VAL A 16 6.30 0.68 1.20
C VAL A 16 6.60 0.20 -0.22
N LEU A 17 5.63 -0.46 -0.84
CA LEU A 17 5.82 -0.98 -2.20
C LEU A 17 6.09 0.16 -3.18
N ARG A 18 5.31 1.23 -3.05
CA ARG A 18 5.46 2.39 -3.93
C ARG A 18 6.60 3.30 -3.47
N CYS A 19 7.34 2.84 -2.46
CA CYS A 19 8.46 3.62 -1.92
C CYS A 19 9.78 2.88 -2.12
N SER A 20 9.81 1.61 -1.73
CA SER A 20 11.03 0.81 -1.85
C SER A 20 11.45 0.67 -3.31
N ILE A 21 10.49 0.42 -4.20
CA ILE A 21 10.78 0.25 -5.62
C ILE A 21 10.05 1.31 -6.47
N ASP A 22 9.16 2.06 -5.84
CA ASP A 22 8.41 3.09 -6.56
C ASP A 22 7.86 2.53 -7.87
N ASP A 1 -7.75 -3.84 -4.59
CA ASP A 1 -6.86 -2.79 -4.02
C ASP A 1 -7.66 -1.93 -3.03
N THR A 2 -8.94 -2.23 -2.90
CA THR A 2 -9.81 -1.48 -2.00
C THR A 2 -10.34 -2.38 -0.89
N LEU A 3 -10.48 -1.79 0.29
CA LEU A 3 -10.97 -2.50 1.47
C LEU A 3 -9.92 -3.51 1.93
N LEU A 4 -8.85 -3.58 1.16
CA LEU A 4 -7.74 -4.47 1.45
C LEU A 4 -6.57 -4.05 0.58
N GLY A 5 -6.13 -2.84 0.83
CA GLY A 5 -5.03 -2.24 0.07
C GLY A 5 -5.17 -0.72 0.02
N ARG A 6 -6.28 -0.22 0.56
CA ARG A 6 -6.55 1.22 0.58
C ARG A 6 -6.85 1.67 2.01
N ILE A 7 -6.93 0.70 2.95
CA ILE A 7 -7.21 1.03 4.35
C ILE A 7 -6.14 0.47 5.30
N LEU A 8 -6.00 -0.87 5.38
CA LEU A 8 -5.01 -1.48 6.29
C LEU A 8 -3.76 -1.94 5.54
N PRO A 9 -3.89 -2.75 4.51
CA PRO A 9 -2.71 -3.22 3.74
C PRO A 9 -2.16 -2.13 2.84
N GLN A 10 -2.94 -1.05 2.69
CA GLN A 10 -2.48 0.05 1.85
C GLN A 10 -1.13 0.51 2.36
N LEU A 11 -0.91 0.22 3.63
CA LEU A 11 0.32 0.59 4.31
C LEU A 11 1.49 -0.06 3.62
N VAL A 12 1.31 -1.30 3.20
CA VAL A 12 2.37 -2.03 2.53
C VAL A 12 2.23 -1.90 1.02
N CYS A 13 1.69 -0.78 0.58
CA CYS A 13 1.53 -0.52 -0.85
C CYS A 13 1.96 0.91 -1.14
N ARG A 14 1.26 1.85 -0.53
CA ARG A 14 1.58 3.26 -0.70
C ARG A 14 2.86 3.64 0.03
N LEU A 15 3.19 2.90 1.11
CA LEU A 15 4.40 3.22 1.89
C LEU A 15 5.52 2.22 1.64
N VAL A 16 5.21 1.13 0.93
CA VAL A 16 6.23 0.10 0.63
C VAL A 16 6.44 -0.08 -0.87
N LEU A 17 5.43 -0.60 -1.56
CA LEU A 17 5.56 -0.82 -3.00
C LEU A 17 5.76 0.50 -3.72
N ARG A 18 5.05 1.53 -3.27
CA ARG A 18 5.14 2.84 -3.89
C ARG A 18 6.36 3.62 -3.40
N CYS A 19 6.98 3.12 -2.32
CA CYS A 19 8.16 3.80 -1.75
C CYS A 19 9.45 3.03 -2.00
N SER A 20 9.46 1.76 -1.63
CA SER A 20 10.67 0.93 -1.78
C SER A 20 11.11 0.81 -3.24
N ILE A 21 10.16 0.65 -4.16
CA ILE A 21 10.50 0.50 -5.59
C ILE A 21 9.90 1.62 -6.42
N ASP A 22 9.06 2.44 -5.81
CA ASP A 22 8.43 3.55 -6.52
C ASP A 22 7.92 3.09 -7.89
N ASP A 1 -8.63 -3.60 -5.04
CA ASP A 1 -7.53 -2.82 -4.41
C ASP A 1 -8.07 -1.99 -3.26
N THR A 2 -9.36 -2.15 -2.97
CA THR A 2 -9.99 -1.41 -1.88
C THR A 2 -10.51 -2.36 -0.81
N LEU A 3 -10.50 -1.88 0.42
CA LEU A 3 -10.94 -2.66 1.58
C LEU A 3 -9.91 -3.74 1.89
N LEU A 4 -8.81 -3.68 1.17
CA LEU A 4 -7.71 -4.62 1.34
C LEU A 4 -6.57 -4.19 0.43
N GLY A 5 -6.16 -2.95 0.61
CA GLY A 5 -5.08 -2.36 -0.18
C GLY A 5 -5.23 -0.84 -0.27
N ARG A 6 -6.29 -0.31 0.33
CA ARG A 6 -6.56 1.12 0.34
C ARG A 6 -6.94 1.59 1.74
N ILE A 7 -6.99 0.64 2.70
CA ILE A 7 -7.37 0.99 4.08
C ILE A 7 -6.35 0.50 5.12
N LEU A 8 -6.22 -0.83 5.29
CA LEU A 8 -5.29 -1.38 6.30
C LEU A 8 -3.97 -1.81 5.66
N PRO A 9 -3.97 -2.73 4.71
CA PRO A 9 -2.71 -3.18 4.08
C PRO A 9 -2.21 -2.17 3.05
N GLN A 10 -2.98 -1.11 2.81
CA GLN A 10 -2.53 -0.11 1.86
C GLN A 10 -1.24 0.49 2.37
N LEU A 11 -1.08 0.38 3.67
CA LEU A 11 0.08 0.92 4.36
C LEU A 11 1.33 0.24 3.83
N VAL A 12 1.22 -1.05 3.56
CA VAL A 12 2.36 -1.79 3.03
C VAL A 12 2.33 -1.84 1.51
N CYS A 13 1.76 -0.79 0.92
CA CYS A 13 1.68 -0.70 -0.55
C CYS A 13 2.03 0.71 -0.98
N ARG A 14 1.33 1.69 -0.42
CA ARG A 14 1.57 3.08 -0.76
C ARG A 14 2.78 3.61 0.00
N LEU A 15 3.14 2.97 1.13
CA LEU A 15 4.28 3.43 1.92
C LEU A 15 5.47 2.49 1.83
N VAL A 16 5.23 1.23 1.45
CA VAL A 16 6.32 0.24 1.36
C VAL A 16 6.68 -0.09 -0.09
N LEU A 17 5.75 -0.70 -0.82
CA LEU A 17 6.03 -1.07 -2.20
C LEU A 17 6.29 0.17 -3.04
N ARG A 18 5.53 1.23 -2.79
CA ARG A 18 5.68 2.47 -3.52
C ARG A 18 7.08 3.04 -3.28
N CYS A 19 7.52 3.03 -2.03
CA CYS A 19 8.84 3.55 -1.71
C CYS A 19 9.95 2.74 -2.36
N SER A 20 9.80 1.41 -2.35
CA SER A 20 10.81 0.54 -2.92
C SER A 20 10.86 0.63 -4.45
N ILE A 21 9.70 0.69 -5.09
CA ILE A 21 9.65 0.77 -6.55
C ILE A 21 9.63 2.22 -7.00
N ASP A 22 9.01 3.06 -6.19
CA ASP A 22 8.90 4.50 -6.49
C ASP A 22 8.66 4.72 -7.98
#